data_4XLY
#
_entry.id   4XLY
#
_cell.length_a   65.814
_cell.length_b   65.814
_cell.length_c   136.244
_cell.angle_alpha   90.00
_cell.angle_beta   90.00
_cell.angle_gamma   90.00
#
_symmetry.space_group_name_H-M   'P 41'
#
loop_
_entity.id
_entity.type
_entity.pdbx_description
1 polymer 'Uncharacterized protein blr2150'
2 non-polymer '(2E)-3-methyl-5-[(1R,4aR,8aR)-5,5,8a-trimethyl-2-methylidenedecahydronaphthalen-1-yl]pent-2-en-1-yl trihydrogen diphosphate'
3 water water
#
_entity_poly.entity_id   1
_entity_poly.type   'polypeptide(L)'
_entity_poly.pdbx_seq_one_letter_code
;MIQTERAVQQVLEWGRSLTGFADEHAVEAVRGGQYILQRIHPSLRGTSARTGRDPQDETLIVTFYRELALLFWLCDCNDL
GLISPEQLAAVEQALGQGVPCALPGFEGCAVLRASLATLAYDRRDYAQLLDDTRCYSAALRAGHAQAVAAERWSYAEYLH
NGIDSIAYANVFCCLSLLWGLDMATLRARPAFRQVLRLISAIGRLQNDLHGCDKDRSAGEADNAVILLLQRYPAMPVVEF
LNDELAGHTRMLHRVMAEERFPAPWGPLIEAMAAIRVQYYRTSTSRYRSDAVRGGQRAPA
;
_entity_poly.pdbx_strand_id   A,B
#
loop_
_chem_comp.id
_chem_comp.type
_chem_comp.name
_chem_comp.formula
ECP non-polymer '(2E)-3-methyl-5-[(1R,4aR,8aR)-5,5,8a-trimethyl-2-methylidenedecahydronaphthalen-1-yl]pent-2-en-1-yl trihydrogen diphosphate' 'C20 H36 O7 P2'
#
# COMPACT_ATOMS: atom_id res chain seq x y z
N MET A 1 -1.92 -32.56 18.85
CA MET A 1 -2.68 -32.24 17.59
C MET A 1 -3.89 -33.14 17.42
N ILE A 2 -5.08 -32.54 17.42
CA ILE A 2 -6.31 -33.30 17.27
C ILE A 2 -6.29 -34.07 15.93
N GLN A 3 -6.80 -35.30 15.94
CA GLN A 3 -6.85 -36.12 14.73
C GLN A 3 -7.65 -35.40 13.63
N THR A 4 -7.28 -35.61 12.38
CA THR A 4 -7.96 -34.93 11.28
C THR A 4 -9.47 -35.10 11.23
N GLU A 5 -9.95 -36.35 11.20
CA GLU A 5 -11.39 -36.55 11.10
C GLU A 5 -12.13 -36.03 12.31
N ARG A 6 -11.51 -36.09 13.49
CA ARG A 6 -12.19 -35.58 14.66
C ARG A 6 -12.39 -34.04 14.50
N ALA A 7 -11.40 -33.38 13.91
CA ALA A 7 -11.49 -31.92 13.70
C ALA A 7 -12.58 -31.66 12.66
N VAL A 8 -12.58 -32.46 11.59
CA VAL A 8 -13.60 -32.28 10.57
C VAL A 8 -15.00 -32.36 11.17
N GLN A 9 -15.23 -33.34 12.05
CA GLN A 9 -16.53 -33.51 12.66
C GLN A 9 -16.89 -32.33 13.54
N GLN A 10 -15.89 -31.80 14.24
CA GLN A 10 -16.17 -30.64 15.11
C GLN A 10 -16.49 -29.42 14.26
N VAL A 11 -15.82 -29.26 13.12
CA VAL A 11 -16.12 -28.13 12.26
C VAL A 11 -17.52 -28.32 11.66
N LEU A 12 -17.79 -29.53 11.18
CA LEU A 12 -19.09 -29.83 10.59
C LEU A 12 -20.24 -29.62 11.55
N GLU A 13 -20.04 -30.00 12.81
CA GLU A 13 -21.10 -29.84 13.80
C GLU A 13 -21.52 -28.37 13.89
N TRP A 14 -20.54 -27.47 13.92
CA TRP A 14 -20.84 -26.04 14.00
C TRP A 14 -21.40 -25.54 12.66
N GLY A 15 -20.81 -26.03 11.57
CA GLY A 15 -21.22 -25.65 10.22
C GLY A 15 -22.68 -25.94 9.91
N ARG A 16 -23.24 -26.95 10.57
CA ARG A 16 -24.63 -27.34 10.39
C ARG A 16 -25.58 -26.21 10.75
N SER A 17 -25.07 -25.22 11.49
CA SER A 17 -25.86 -24.07 11.93
C SER A 17 -25.74 -22.89 10.97
N LEU A 18 -25.24 -23.15 9.76
CA LEU A 18 -25.11 -22.14 8.71
C LEU A 18 -25.79 -22.69 7.47
N THR A 19 -26.84 -21.99 6.99
CA THR A 19 -27.55 -22.42 5.79
C THR A 19 -26.56 -22.46 4.62
N GLY A 20 -26.64 -23.52 3.82
CA GLY A 20 -25.73 -23.65 2.70
C GLY A 20 -24.36 -24.25 2.97
N PHE A 21 -24.03 -24.53 4.23
CA PHE A 21 -22.74 -25.11 4.57
C PHE A 21 -22.66 -26.51 3.98
N ALA A 22 -21.51 -26.87 3.42
CA ALA A 22 -21.36 -28.18 2.82
C ALA A 22 -20.17 -28.89 3.46
N ASP A 23 -20.20 -30.23 3.45
CA ASP A 23 -19.12 -31.01 4.06
C ASP A 23 -17.76 -30.57 3.57
N GLU A 24 -17.71 -30.22 2.29
CA GLU A 24 -16.48 -29.79 1.65
C GLU A 24 -15.87 -28.59 2.37
N HIS A 25 -16.72 -27.71 2.89
CA HIS A 25 -16.21 -26.53 3.58
C HIS A 25 -15.39 -26.91 4.81
N ALA A 26 -15.91 -27.85 5.58
CA ALA A 26 -15.21 -28.30 6.76
C ALA A 26 -13.94 -29.10 6.40
N VAL A 27 -14.07 -30.03 5.44
CA VAL A 27 -12.93 -30.81 5.02
C VAL A 27 -11.77 -29.97 4.51
N GLU A 28 -12.04 -29.04 3.60
CA GLU A 28 -10.96 -28.22 3.06
C GLU A 28 -10.39 -27.26 4.11
N ALA A 29 -11.23 -26.82 5.05
CA ALA A 29 -10.73 -25.92 6.09
C ALA A 29 -9.71 -26.68 6.97
N VAL A 30 -10.05 -27.90 7.35
CA VAL A 30 -9.13 -28.66 8.19
C VAL A 30 -7.83 -28.97 7.44
N ARG A 31 -7.93 -29.27 6.14
CA ARG A 31 -6.72 -29.60 5.36
C ARG A 31 -5.78 -28.41 5.25
N GLY A 32 -6.32 -27.25 4.90
CA GLY A 32 -5.50 -26.06 4.78
C GLY A 32 -5.00 -25.60 6.14
N GLY A 33 -5.87 -25.69 7.15
CA GLY A 33 -5.47 -25.29 8.49
C GLY A 33 -4.36 -26.16 9.03
N GLN A 34 -4.43 -27.47 8.81
CA GLN A 34 -3.38 -28.35 9.31
C GLN A 34 -2.07 -28.01 8.62
N TYR A 35 -2.12 -27.73 7.33
CA TYR A 35 -0.91 -27.42 6.56
C TYR A 35 -0.20 -26.23 7.21
N ILE A 36 -0.99 -25.21 7.51
CA ILE A 36 -0.46 -24.00 8.12
C ILE A 36 0.08 -24.25 9.53
N LEU A 37 -0.75 -24.84 10.40
CA LEU A 37 -0.29 -25.07 11.76
C LEU A 37 0.94 -25.96 11.85
N GLN A 38 1.06 -26.93 10.94
CA GLN A 38 2.22 -27.82 10.98
C GLN A 38 3.47 -27.06 10.63
N ARG A 39 3.36 -26.12 9.70
CA ARG A 39 4.55 -25.36 9.31
C ARG A 39 5.01 -24.32 10.32
N ILE A 40 4.11 -23.84 11.17
CA ILE A 40 4.50 -22.86 12.18
C ILE A 40 4.60 -23.50 13.57
N HIS A 41 4.38 -24.81 13.66
CA HIS A 41 4.40 -25.48 14.96
C HIS A 41 5.67 -25.24 15.80
N PRO A 42 6.85 -25.39 15.19
CA PRO A 42 8.09 -25.16 15.95
C PRO A 42 8.13 -23.75 16.57
N SER A 43 7.69 -22.75 15.81
CA SER A 43 7.68 -21.37 16.29
C SER A 43 6.70 -21.19 17.45
N LEU A 44 5.48 -21.68 17.29
CA LEU A 44 4.47 -21.57 18.33
C LEU A 44 4.92 -22.22 19.63
N ARG A 45 5.64 -23.31 19.49
CA ARG A 45 6.16 -24.02 20.65
C ARG A 45 7.07 -23.03 21.39
N GLY A 46 7.78 -22.22 20.61
CA GLY A 46 8.70 -21.24 21.16
C GLY A 46 8.08 -20.05 21.86
N THR A 47 6.89 -19.65 21.42
CA THR A 47 6.21 -18.52 22.03
C THR A 47 5.23 -18.96 23.12
N SER A 48 4.94 -20.25 23.17
CA SER A 48 3.96 -20.78 24.12
C SER A 48 4.20 -20.48 25.59
N ALA A 49 5.46 -20.55 26.03
CA ALA A 49 5.77 -20.27 27.43
C ALA A 49 5.37 -18.83 27.77
N ARG A 50 5.66 -17.91 26.85
CA ARG A 50 5.35 -16.49 27.03
C ARG A 50 3.84 -16.16 27.01
N THR A 51 3.12 -16.80 26.10
CA THR A 51 1.69 -16.53 25.94
C THR A 51 0.74 -17.42 26.71
N GLY A 52 1.16 -18.63 27.04
CA GLY A 52 0.28 -19.54 27.74
C GLY A 52 -0.66 -20.19 26.73
N ARG A 53 -0.40 -19.94 25.45
CA ARG A 53 -1.25 -20.53 24.40
C ARG A 53 -0.54 -21.75 23.83
N ASP A 54 -1.16 -22.92 24.02
CA ASP A 54 -0.58 -24.18 23.57
C ASP A 54 -0.84 -24.48 22.10
N PRO A 55 0.23 -24.80 21.34
CA PRO A 55 0.10 -25.11 19.92
C PRO A 55 -0.85 -26.28 19.71
N GLN A 56 -1.02 -27.12 20.73
CA GLN A 56 -1.91 -28.26 20.59
C GLN A 56 -3.26 -28.13 21.28
N ASP A 57 -3.61 -26.90 21.70
CA ASP A 57 -4.89 -26.65 22.37
C ASP A 57 -6.03 -26.91 21.37
N GLU A 58 -6.85 -27.91 21.64
CA GLU A 58 -7.94 -28.30 20.74
C GLU A 58 -8.95 -27.19 20.52
N THR A 59 -9.19 -26.41 21.56
CA THR A 59 -10.13 -25.33 21.45
C THR A 59 -9.60 -24.29 20.47
N LEU A 60 -8.33 -23.96 20.58
CA LEU A 60 -7.76 -22.96 19.67
C LEU A 60 -7.73 -23.51 18.23
N ILE A 61 -7.29 -24.75 18.09
CA ILE A 61 -7.24 -25.34 16.75
C ILE A 61 -8.59 -25.40 16.03
N VAL A 62 -9.59 -25.98 16.70
CA VAL A 62 -10.91 -26.08 16.10
C VAL A 62 -11.47 -24.70 15.79
N THR A 63 -11.24 -23.74 16.68
CA THR A 63 -11.72 -22.40 16.38
C THR A 63 -11.10 -21.84 15.10
N PHE A 64 -9.79 -22.03 14.93
CA PHE A 64 -9.11 -21.55 13.72
C PHE A 64 -9.71 -22.26 12.49
N TYR A 65 -9.90 -23.58 12.57
CA TYR A 65 -10.49 -24.33 11.45
C TYR A 65 -11.89 -23.83 11.11
N ARG A 66 -12.67 -23.48 12.12
CA ARG A 66 -14.01 -23.00 11.87
C ARG A 66 -13.95 -21.66 11.13
N GLU A 67 -13.04 -20.76 11.52
CA GLU A 67 -12.93 -19.50 10.78
C GLU A 67 -12.55 -19.79 9.31
N LEU A 68 -11.62 -20.72 9.09
CA LEU A 68 -11.25 -21.04 7.72
C LEU A 68 -12.47 -21.59 6.97
N ALA A 69 -13.26 -22.46 7.62
CA ALA A 69 -14.46 -22.99 6.96
C ALA A 69 -15.47 -21.88 6.65
N LEU A 70 -15.55 -20.91 7.55
CA LEU A 70 -16.45 -19.78 7.36
C LEU A 70 -16.06 -19.05 6.09
N LEU A 71 -14.76 -18.82 5.90
CA LEU A 71 -14.29 -18.08 4.74
C LEU A 71 -14.60 -18.84 3.44
N PHE A 72 -14.45 -20.15 3.47
CA PHE A 72 -14.74 -20.99 2.29
C PHE A 72 -16.23 -20.92 1.99
N TRP A 73 -17.02 -21.07 3.04
CA TRP A 73 -18.47 -21.02 2.89
C TRP A 73 -18.92 -19.68 2.32
N LEU A 74 -18.39 -18.58 2.84
CA LEU A 74 -18.79 -17.27 2.33
C LEU A 74 -18.45 -17.09 0.86
N CYS A 75 -17.29 -17.60 0.48
CA CYS A 75 -16.86 -17.51 -0.90
C CYS A 75 -17.92 -18.22 -1.76
N ASP A 76 -18.32 -19.42 -1.36
CA ASP A 76 -19.34 -20.15 -2.11
C ASP A 76 -20.72 -19.48 -2.06
N CYS A 77 -21.04 -18.81 -0.96
CA CYS A 77 -22.33 -18.13 -0.88
C CYS A 77 -22.41 -17.10 -2.00
N ASN A 78 -21.28 -16.46 -2.28
CA ASN A 78 -21.19 -15.46 -3.34
C ASN A 78 -21.15 -16.14 -4.71
N ASP A 79 -20.13 -16.97 -4.88
CA ASP A 79 -19.89 -17.66 -6.14
C ASP A 79 -21.02 -18.54 -6.68
N LEU A 80 -21.72 -19.23 -5.80
CA LEU A 80 -22.81 -20.12 -6.19
C LEU A 80 -24.20 -19.64 -5.78
N GLY A 81 -24.26 -18.46 -5.18
CA GLY A 81 -25.54 -17.92 -4.74
C GLY A 81 -26.30 -18.88 -3.85
N LEU A 82 -25.62 -19.41 -2.84
CA LEU A 82 -26.24 -20.37 -1.93
C LEU A 82 -27.34 -19.76 -1.07
N ILE A 83 -27.23 -18.47 -0.78
CA ILE A 83 -28.24 -17.81 0.02
C ILE A 83 -28.63 -16.56 -0.72
N SER A 84 -29.73 -15.94 -0.31
CA SER A 84 -30.19 -14.75 -0.99
C SER A 84 -29.36 -13.52 -0.65
N PRO A 85 -29.46 -12.48 -1.49
CA PRO A 85 -28.73 -11.23 -1.28
C PRO A 85 -29.06 -10.68 0.12
N GLU A 86 -30.34 -10.71 0.49
CA GLU A 86 -30.77 -10.23 1.80
C GLU A 86 -30.13 -11.05 2.94
N GLN A 87 -30.02 -12.36 2.75
CA GLN A 87 -29.39 -13.21 3.77
C GLN A 87 -27.87 -13.00 3.84
N LEU A 88 -27.26 -12.78 2.68
CA LEU A 88 -25.81 -12.54 2.65
C LEU A 88 -25.50 -11.22 3.34
N ALA A 89 -26.35 -10.21 3.11
CA ALA A 89 -26.15 -8.92 3.76
C ALA A 89 -26.24 -9.06 5.28
N ALA A 90 -27.23 -9.82 5.75
CA ALA A 90 -27.39 -10.02 7.18
C ALA A 90 -26.21 -10.81 7.78
N VAL A 91 -25.72 -11.77 7.01
CA VAL A 91 -24.55 -12.57 7.43
C VAL A 91 -23.33 -11.66 7.50
N GLU A 92 -23.15 -10.81 6.50
CA GLU A 92 -22.00 -9.91 6.51
C GLU A 92 -22.06 -8.96 7.70
N GLN A 93 -23.26 -8.55 8.08
CA GLN A 93 -23.40 -7.65 9.23
C GLN A 93 -22.98 -8.36 10.52
N ALA A 94 -23.46 -9.58 10.71
CA ALA A 94 -23.10 -10.30 11.90
C ALA A 94 -21.60 -10.57 11.96
N LEU A 95 -21.04 -11.06 10.86
CA LEU A 95 -19.62 -11.38 10.87
C LEU A 95 -18.69 -10.15 10.84
N GLY A 96 -19.16 -9.05 10.28
CA GLY A 96 -18.33 -7.86 10.17
C GLY A 96 -18.48 -6.91 11.34
N GLN A 97 -19.60 -7.01 12.05
CA GLN A 97 -19.84 -6.11 13.19
C GLN A 97 -19.77 -6.85 14.50
N GLY A 98 -19.82 -8.17 14.45
CA GLY A 98 -19.75 -8.97 15.66
C GLY A 98 -21.05 -9.03 16.45
N VAL A 99 -22.16 -8.91 15.73
CA VAL A 99 -23.49 -8.94 16.33
C VAL A 99 -24.27 -10.17 15.85
N PRO A 100 -25.40 -10.47 16.50
CA PRO A 100 -26.18 -11.64 16.06
C PRO A 100 -26.76 -11.34 14.69
N CYS A 101 -27.00 -12.35 13.86
CA CYS A 101 -27.58 -12.05 12.55
C CYS A 101 -29.08 -11.84 12.74
N ALA A 102 -29.59 -10.81 12.10
CA ALA A 102 -30.99 -10.43 12.18
C ALA A 102 -31.92 -11.43 11.52
N LEU A 103 -31.38 -12.26 10.65
CA LEU A 103 -32.19 -13.26 9.96
C LEU A 103 -31.92 -14.68 10.40
N PRO A 104 -32.96 -15.52 10.46
CA PRO A 104 -32.79 -16.91 10.88
C PRO A 104 -31.98 -17.75 9.89
N GLY A 105 -31.45 -18.85 10.38
CA GLY A 105 -30.68 -19.74 9.53
C GLY A 105 -29.17 -19.58 9.55
N PHE A 106 -28.66 -18.69 10.41
CA PHE A 106 -27.22 -18.48 10.44
C PHE A 106 -26.65 -18.33 11.84
N GLU A 107 -27.19 -19.09 12.79
CA GLU A 107 -26.73 -19.04 14.19
C GLU A 107 -25.22 -19.19 14.37
N GLY A 108 -24.62 -20.02 13.54
CA GLY A 108 -23.19 -20.26 13.64
C GLY A 108 -22.32 -19.01 13.56
N CYS A 109 -22.83 -17.95 12.93
CA CYS A 109 -22.05 -16.71 12.81
C CYS A 109 -21.74 -16.06 14.14
N ALA A 110 -22.78 -15.74 14.90
CA ALA A 110 -22.60 -15.09 16.19
C ALA A 110 -21.91 -16.02 17.18
N VAL A 111 -22.14 -17.32 17.05
CA VAL A 111 -21.50 -18.29 17.93
C VAL A 111 -19.99 -18.30 17.75
N LEU A 112 -19.54 -18.36 16.49
CA LEU A 112 -18.10 -18.37 16.22
C LEU A 112 -17.50 -17.03 16.62
N ARG A 113 -18.18 -15.95 16.26
CA ARG A 113 -17.68 -14.61 16.60
C ARG A 113 -17.55 -14.43 18.12
N ALA A 114 -18.53 -14.90 18.88
CA ALA A 114 -18.44 -14.77 20.32
C ALA A 114 -17.28 -15.58 20.89
N SER A 115 -17.02 -16.76 20.32
CA SER A 115 -15.92 -17.58 20.81
C SER A 115 -14.60 -16.90 20.54
N LEU A 116 -14.46 -16.31 19.36
CA LEU A 116 -13.25 -15.62 19.02
C LEU A 116 -13.02 -14.43 19.94
N ALA A 117 -14.08 -13.68 20.23
CA ALA A 117 -13.92 -12.51 21.11
C ALA A 117 -13.42 -12.98 22.49
N THR A 118 -14.07 -13.99 23.02
CA THR A 118 -13.71 -14.55 24.32
C THR A 118 -12.30 -15.14 24.35
N LEU A 119 -11.91 -15.80 23.26
CA LEU A 119 -10.59 -16.41 23.21
C LEU A 119 -9.43 -15.48 22.82
N ALA A 120 -9.73 -14.26 22.37
CA ALA A 120 -8.65 -13.38 21.93
C ALA A 120 -7.60 -13.11 22.99
N TYR A 121 -6.35 -13.31 22.62
CA TYR A 121 -5.25 -13.07 23.54
C TYR A 121 -5.13 -11.53 23.71
N ASP A 122 -5.09 -10.84 22.56
CA ASP A 122 -5.05 -9.38 22.46
C ASP A 122 -6.34 -9.05 21.74
N ARG A 123 -7.28 -8.44 22.46
CA ARG A 123 -8.59 -8.11 21.90
C ARG A 123 -8.55 -7.22 20.66
N ARG A 124 -7.45 -6.50 20.48
CA ARG A 124 -7.36 -5.68 19.27
C ARG A 124 -7.47 -6.56 18.02
N ASP A 125 -6.95 -7.78 18.11
CA ASP A 125 -6.98 -8.70 16.99
C ASP A 125 -8.40 -9.10 16.61
N TYR A 126 -9.30 -9.09 17.58
CA TYR A 126 -10.68 -9.42 17.27
C TYR A 126 -11.29 -8.28 16.44
N ALA A 127 -11.04 -7.04 16.83
CA ALA A 127 -11.59 -5.93 16.06
C ALA A 127 -10.99 -5.93 14.67
N GLN A 128 -9.72 -6.32 14.59
CA GLN A 128 -9.03 -6.38 13.30
C GLN A 128 -9.71 -7.46 12.44
N LEU A 129 -10.03 -8.60 13.06
CA LEU A 129 -10.67 -9.69 12.32
C LEU A 129 -12.02 -9.24 11.76
N LEU A 130 -12.74 -8.47 12.55
CA LEU A 130 -14.03 -7.95 12.11
C LEU A 130 -13.82 -7.07 10.86
N ASP A 131 -12.78 -6.24 10.90
CA ASP A 131 -12.41 -5.32 9.81
C ASP A 131 -12.03 -6.12 8.55
N ASP A 132 -11.17 -7.12 8.73
CA ASP A 132 -10.76 -7.98 7.64
C ASP A 132 -11.95 -8.75 7.08
N THR A 133 -12.87 -9.13 7.97
CA THR A 133 -14.07 -9.84 7.49
C THR A 133 -14.92 -8.91 6.60
N ARG A 134 -15.02 -7.63 6.97
CA ARG A 134 -15.78 -6.70 6.14
C ARG A 134 -15.09 -6.52 4.79
N CYS A 135 -13.76 -6.42 4.80
CA CYS A 135 -13.04 -6.23 3.53
C CYS A 135 -13.18 -7.44 2.63
N TYR A 136 -13.03 -8.62 3.22
CA TYR A 136 -13.15 -9.86 2.49
C TYR A 136 -14.55 -9.95 1.85
N SER A 137 -15.58 -9.70 2.66
CA SER A 137 -16.98 -9.75 2.21
C SER A 137 -17.24 -8.83 1.02
N ALA A 138 -16.84 -7.57 1.20
CA ALA A 138 -17.04 -6.58 0.16
C ALA A 138 -16.33 -6.98 -1.13
N ALA A 139 -15.11 -7.50 -0.99
CA ALA A 139 -14.31 -7.90 -2.12
C ALA A 139 -14.94 -9.06 -2.87
N LEU A 140 -15.53 -10.02 -2.16
CA LEU A 140 -16.17 -11.16 -2.83
C LEU A 140 -17.30 -10.62 -3.71
N ARG A 141 -18.10 -9.73 -3.14
CA ARG A 141 -19.22 -9.17 -3.89
C ARG A 141 -18.74 -8.32 -5.07
N ALA A 142 -17.70 -7.51 -4.87
CA ALA A 142 -17.17 -6.65 -5.93
C ALA A 142 -16.63 -7.50 -7.07
N GLY A 143 -15.91 -8.55 -6.70
CA GLY A 143 -15.36 -9.44 -7.70
C GLY A 143 -16.48 -10.07 -8.50
N HIS A 144 -17.49 -10.56 -7.80
CA HIS A 144 -18.63 -11.20 -8.44
C HIS A 144 -19.40 -10.19 -9.31
N ALA A 145 -19.45 -8.93 -8.86
CA ALA A 145 -20.14 -7.91 -9.63
C ALA A 145 -19.47 -7.81 -11.01
N GLN A 146 -18.17 -8.09 -11.05
CA GLN A 146 -17.42 -8.04 -12.30
C GLN A 146 -17.62 -9.32 -13.07
N ALA A 150 -19.78 -5.20 -20.06
CA ALA A 150 -19.91 -4.20 -19.00
C ALA A 150 -18.57 -3.55 -18.71
N GLU A 151 -18.61 -2.37 -18.10
CA GLU A 151 -17.40 -1.64 -17.75
C GLU A 151 -16.53 -2.51 -16.84
N ARG A 152 -15.46 -3.05 -17.39
CA ARG A 152 -14.55 -3.91 -16.65
C ARG A 152 -13.48 -3.14 -15.87
N TRP A 153 -13.01 -3.77 -14.80
CA TRP A 153 -11.98 -3.21 -13.93
C TRP A 153 -10.64 -3.15 -14.61
N SER A 154 -9.76 -2.31 -14.06
CA SER A 154 -8.40 -2.19 -14.55
C SER A 154 -7.66 -3.28 -13.80
N TYR A 155 -6.54 -3.74 -14.36
CA TYR A 155 -5.74 -4.76 -13.69
C TYR A 155 -5.41 -4.30 -12.26
N ALA A 156 -5.15 -3.01 -12.11
CA ALA A 156 -4.81 -2.44 -10.80
C ALA A 156 -5.96 -2.67 -9.80
N GLU A 157 -7.16 -2.26 -10.20
CA GLU A 157 -8.36 -2.42 -9.37
C GLU A 157 -8.62 -3.88 -9.02
N TYR A 158 -8.34 -4.75 -9.98
CA TYR A 158 -8.52 -6.18 -9.80
C TYR A 158 -7.62 -6.73 -8.71
N LEU A 159 -6.33 -6.43 -8.81
CA LEU A 159 -5.35 -6.92 -7.84
C LEU A 159 -5.59 -6.31 -6.46
N HIS A 160 -6.02 -5.06 -6.41
CA HIS A 160 -6.30 -4.43 -5.15
C HIS A 160 -7.44 -5.20 -4.48
N ASN A 161 -8.46 -5.54 -5.26
CA ASN A 161 -9.60 -6.27 -4.71
C ASN A 161 -9.27 -7.73 -4.40
N GLY A 162 -8.43 -8.32 -5.24
CA GLY A 162 -8.06 -9.71 -5.07
C GLY A 162 -7.17 -9.91 -3.87
N ILE A 163 -6.52 -8.83 -3.46
CA ILE A 163 -5.66 -8.88 -2.29
C ILE A 163 -6.54 -9.11 -1.04
N ASP A 164 -7.73 -8.52 -1.04
CA ASP A 164 -8.67 -8.66 0.06
C ASP A 164 -9.45 -9.97 -0.07
N SER A 165 -9.81 -10.33 -1.30
CA SER A 165 -10.60 -11.53 -1.53
C SER A 165 -9.83 -12.83 -1.30
N ILE A 166 -8.49 -12.75 -1.27
CA ILE A 166 -7.70 -13.96 -1.05
C ILE A 166 -7.73 -14.35 0.44
N ALA A 167 -8.12 -13.42 1.29
CA ALA A 167 -8.27 -13.66 2.76
C ALA A 167 -7.04 -13.99 3.61
N TYR A 168 -5.83 -13.73 3.12
CA TYR A 168 -4.65 -14.02 3.91
C TYR A 168 -4.61 -13.15 5.17
N ALA A 169 -5.06 -11.90 5.06
CA ALA A 169 -5.07 -11.04 6.24
C ALA A 169 -5.92 -11.68 7.34
N ASN A 170 -7.05 -12.25 6.93
CA ASN A 170 -7.98 -12.88 7.86
C ASN A 170 -7.32 -14.06 8.55
N VAL A 171 -6.67 -14.89 7.74
CA VAL A 171 -6.01 -16.06 8.29
C VAL A 171 -4.94 -15.63 9.31
N PHE A 172 -4.09 -14.68 8.94
CA PHE A 172 -3.04 -14.21 9.86
C PHE A 172 -3.64 -13.62 11.15
N CYS A 173 -4.70 -12.83 11.01
CA CYS A 173 -5.33 -12.23 12.16
C CYS A 173 -5.92 -13.25 13.11
N CYS A 174 -6.55 -14.29 12.56
CA CYS A 174 -7.14 -15.33 13.38
C CYS A 174 -6.01 -16.05 14.11
N LEU A 175 -4.91 -16.30 13.43
CA LEU A 175 -3.82 -16.97 14.12
C LEU A 175 -3.29 -16.10 15.27
N SER A 176 -3.15 -14.82 15.01
CA SER A 176 -2.63 -13.93 16.05
C SER A 176 -3.57 -13.85 17.25
N LEU A 177 -4.87 -13.80 16.98
CA LEU A 177 -5.86 -13.74 18.03
C LEU A 177 -5.80 -14.95 18.94
N LEU A 178 -5.68 -16.14 18.34
CA LEU A 178 -5.68 -17.37 19.10
C LEU A 178 -4.40 -17.72 19.83
N TRP A 179 -3.26 -17.49 19.18
CA TRP A 179 -1.99 -17.85 19.77
C TRP A 179 -1.13 -16.67 20.27
N GLY A 180 -1.74 -15.49 20.33
CA GLY A 180 -1.03 -14.31 20.84
C GLY A 180 0.22 -13.90 20.08
N LEU A 181 0.10 -13.73 18.76
CA LEU A 181 1.22 -13.39 17.89
C LEU A 181 1.53 -11.92 17.70
N ASP A 182 0.86 -11.06 18.48
CA ASP A 182 1.10 -9.62 18.47
C ASP A 182 1.01 -8.93 17.11
N MET A 183 0.07 -9.35 16.26
CA MET A 183 -0.08 -8.75 14.95
C MET A 183 -0.48 -7.26 15.03
N ALA A 184 -1.22 -6.90 16.07
CA ALA A 184 -1.68 -5.52 16.22
C ALA A 184 -0.55 -4.54 16.36
N THR A 185 0.50 -4.96 17.05
CA THR A 185 1.69 -4.14 17.26
C THR A 185 2.55 -4.14 15.99
N LEU A 186 2.73 -5.31 15.39
CA LEU A 186 3.54 -5.42 14.18
C LEU A 186 2.96 -4.61 13.03
N ARG A 187 1.64 -4.47 13.01
CA ARG A 187 0.96 -3.70 11.97
C ARG A 187 1.35 -2.22 12.00
N ALA A 188 2.03 -1.79 13.06
CA ALA A 188 2.44 -0.39 13.17
C ALA A 188 3.64 -0.13 12.28
N ARG A 189 4.33 -1.20 11.87
CA ARG A 189 5.49 -1.12 11.00
C ARG A 189 5.08 -1.09 9.52
N PRO A 190 5.48 -0.06 8.79
CA PRO A 190 5.11 0.00 7.37
C PRO A 190 5.56 -1.25 6.61
N ALA A 191 6.75 -1.73 6.93
CA ALA A 191 7.29 -2.91 6.26
C ALA A 191 6.39 -4.14 6.46
N PHE A 192 5.82 -4.29 7.64
CA PHE A 192 4.96 -5.46 7.90
C PHE A 192 3.69 -5.38 7.04
N ARG A 193 3.07 -4.20 7.00
CA ARG A 193 1.87 -4.02 6.19
C ARG A 193 2.19 -4.31 4.72
N GLN A 194 3.40 -3.95 4.29
CA GLN A 194 3.81 -4.20 2.91
C GLN A 194 3.91 -5.68 2.62
N VAL A 195 4.53 -6.44 3.52
CA VAL A 195 4.65 -7.87 3.26
C VAL A 195 3.26 -8.48 3.24
N LEU A 196 2.34 -7.94 4.04
CA LEU A 196 0.97 -8.46 4.07
C LEU A 196 0.33 -8.28 2.69
N ARG A 197 0.49 -7.10 2.10
CA ARG A 197 -0.06 -6.85 0.78
C ARG A 197 0.68 -7.72 -0.24
N LEU A 198 1.99 -7.89 -0.04
CA LEU A 198 2.76 -8.72 -0.96
C LEU A 198 2.32 -10.18 -0.99
N ILE A 199 2.39 -10.85 0.16
CA ILE A 199 2.02 -12.26 0.24
C ILE A 199 0.56 -12.46 -0.23
N SER A 200 -0.30 -11.49 0.02
CA SER A 200 -1.69 -11.59 -0.43
C SER A 200 -1.77 -11.49 -1.97
N ALA A 201 -1.03 -10.55 -2.56
CA ALA A 201 -1.05 -10.44 -4.02
C ALA A 201 -0.50 -11.75 -4.62
N ILE A 202 0.56 -12.27 -4.00
CA ILE A 202 1.16 -13.52 -4.47
C ILE A 202 0.10 -14.64 -4.45
N GLY A 203 -0.60 -14.76 -3.32
CA GLY A 203 -1.63 -15.80 -3.22
C GLY A 203 -2.72 -15.65 -4.25
N ARG A 204 -3.06 -14.41 -4.55
CA ARG A 204 -4.10 -14.11 -5.54
C ARG A 204 -3.64 -14.47 -6.95
N LEU A 205 -2.40 -14.15 -7.29
CA LEU A 205 -1.91 -14.46 -8.62
C LEU A 205 -1.78 -15.97 -8.80
N GLN A 206 -1.16 -16.63 -7.84
CA GLN A 206 -1.00 -18.08 -7.89
C GLN A 206 -2.34 -18.77 -8.09
N ASN A 207 -3.34 -18.34 -7.31
CA ASN A 207 -4.67 -18.91 -7.38
C ASN A 207 -5.28 -18.73 -8.78
N ASP A 208 -5.19 -17.53 -9.31
CA ASP A 208 -5.74 -17.24 -10.64
C ASP A 208 -5.05 -18.06 -11.73
N LEU A 209 -3.74 -18.21 -11.62
CA LEU A 209 -3.01 -19.00 -12.61
C LEU A 209 -3.31 -20.47 -12.34
N HIS A 210 -2.82 -20.97 -11.22
CA HIS A 210 -3.02 -22.36 -10.82
C HIS A 210 -4.50 -22.73 -10.74
N GLY A 211 -4.77 -23.98 -10.34
CA GLY A 211 -6.13 -24.44 -10.22
C GLY A 211 -6.19 -25.91 -9.86
N ALA A 221 -16.75 -15.57 -10.05
CA ALA A 221 -15.64 -14.80 -9.46
C ALA A 221 -14.61 -14.41 -10.52
N ASP A 222 -14.58 -13.12 -10.85
CA ASP A 222 -13.65 -12.60 -11.85
C ASP A 222 -12.24 -13.18 -11.68
N ASN A 223 -11.56 -13.42 -12.81
CA ASN A 223 -10.23 -13.99 -12.80
C ASN A 223 -9.26 -13.10 -13.57
N ALA A 224 -8.07 -12.90 -13.02
CA ALA A 224 -7.05 -12.06 -13.64
C ALA A 224 -6.83 -12.41 -15.12
N VAL A 225 -6.57 -13.69 -15.37
CA VAL A 225 -6.36 -14.15 -16.73
C VAL A 225 -7.51 -13.81 -17.68
N ILE A 226 -8.71 -14.29 -17.37
CA ILE A 226 -9.83 -14.02 -18.25
C ILE A 226 -10.07 -12.52 -18.34
N LEU A 227 -9.65 -11.79 -17.31
CA LEU A 227 -9.82 -10.34 -17.29
C LEU A 227 -8.97 -9.66 -18.36
N LEU A 228 -7.66 -9.86 -18.27
CA LEU A 228 -6.73 -9.26 -19.21
C LEU A 228 -6.96 -9.73 -20.65
N LEU A 229 -7.50 -10.93 -20.80
CA LEU A 229 -7.76 -11.47 -22.14
C LEU A 229 -8.98 -10.85 -22.81
N GLN A 230 -9.95 -10.41 -22.03
CA GLN A 230 -11.15 -9.79 -22.59
C GLN A 230 -10.92 -8.34 -22.97
N ARG A 231 -9.98 -7.69 -22.28
CA ARG A 231 -9.67 -6.30 -22.57
C ARG A 231 -8.46 -6.18 -23.49
N TYR A 232 -7.47 -7.03 -23.29
CA TYR A 232 -6.25 -7.00 -24.11
C TYR A 232 -6.03 -8.36 -24.76
N PRO A 233 -6.89 -8.73 -25.71
CA PRO A 233 -6.83 -10.00 -26.44
C PRO A 233 -5.47 -10.36 -27.01
N ALA A 234 -4.80 -9.35 -27.57
CA ALA A 234 -3.49 -9.54 -28.19
C ALA A 234 -2.33 -9.75 -27.24
N MET A 235 -2.42 -9.23 -26.01
CA MET A 235 -1.32 -9.38 -25.07
C MET A 235 -1.19 -10.79 -24.52
N PRO A 236 0.04 -11.23 -24.24
CA PRO A 236 0.33 -12.57 -23.70
C PRO A 236 0.02 -12.64 -22.21
N VAL A 237 -1.24 -12.37 -21.87
CA VAL A 237 -1.73 -12.37 -20.50
C VAL A 237 -0.99 -13.27 -19.50
N VAL A 238 -1.02 -14.58 -19.76
CA VAL A 238 -0.39 -15.56 -18.88
C VAL A 238 1.08 -15.29 -18.63
N GLU A 239 1.81 -14.92 -19.69
CA GLU A 239 3.23 -14.62 -19.57
C GLU A 239 3.42 -13.49 -18.58
N PHE A 240 2.68 -12.41 -18.79
CA PHE A 240 2.71 -11.22 -17.96
C PHE A 240 2.54 -11.53 -16.47
N LEU A 241 1.43 -12.18 -16.13
CA LEU A 241 1.15 -12.52 -14.73
C LEU A 241 2.25 -13.35 -14.09
N ASN A 242 2.81 -14.30 -14.84
CA ASN A 242 3.88 -15.11 -14.29
C ASN A 242 5.08 -14.25 -13.99
N ASP A 243 5.24 -13.16 -14.75
CA ASP A 243 6.34 -12.25 -14.53
C ASP A 243 6.03 -11.39 -13.30
N GLU A 244 4.78 -10.95 -13.21
CA GLU A 244 4.35 -10.15 -12.07
C GLU A 244 4.42 -10.95 -10.78
N LEU A 245 4.14 -12.25 -10.86
CA LEU A 245 4.20 -13.11 -9.68
C LEU A 245 5.64 -13.24 -9.20
N ALA A 246 6.58 -13.35 -10.14
CA ALA A 246 7.98 -13.48 -9.77
C ALA A 246 8.43 -12.14 -9.18
N GLY A 247 7.88 -11.06 -9.73
CA GLY A 247 8.21 -9.72 -9.24
C GLY A 247 7.78 -9.51 -7.80
N HIS A 248 6.59 -9.96 -7.45
CA HIS A 248 6.10 -9.80 -6.09
C HIS A 248 6.91 -10.64 -5.12
N THR A 249 7.29 -11.83 -5.56
CA THR A 249 8.07 -12.75 -4.73
C THR A 249 9.45 -12.19 -4.39
N ARG A 250 10.07 -11.54 -5.38
CA ARG A 250 11.37 -10.93 -5.16
C ARG A 250 11.21 -9.82 -4.13
N MET A 251 10.17 -8.98 -4.30
CA MET A 251 9.96 -7.89 -3.37
C MET A 251 9.75 -8.42 -1.96
N LEU A 252 8.95 -9.47 -1.84
CA LEU A 252 8.67 -10.09 -0.55
C LEU A 252 9.96 -10.57 0.10
N HIS A 253 10.76 -11.32 -0.66
CA HIS A 253 12.02 -11.84 -0.14
C HIS A 253 12.90 -10.74 0.46
N ARG A 254 13.12 -9.68 -0.30
CA ARG A 254 13.97 -8.59 0.18
C ARG A 254 13.44 -7.92 1.45
N VAL A 255 12.15 -7.64 1.51
CA VAL A 255 11.57 -7.02 2.69
C VAL A 255 11.68 -7.97 3.89
N MET A 256 11.44 -9.26 3.67
CA MET A 256 11.54 -10.24 4.75
C MET A 256 12.97 -10.34 5.25
N ALA A 257 13.93 -10.07 4.37
CA ALA A 257 15.34 -10.12 4.74
C ALA A 257 15.72 -8.86 5.51
N GLU A 258 15.44 -7.70 4.91
CA GLU A 258 15.74 -6.40 5.52
C GLU A 258 15.14 -6.35 6.93
N GLU A 259 13.85 -6.63 7.01
CA GLU A 259 13.14 -6.63 8.28
C GLU A 259 13.22 -8.04 8.85
N ARG A 260 13.42 -8.16 10.15
CA ARG A 260 13.50 -9.47 10.78
C ARG A 260 12.33 -9.59 11.75
N PHE A 261 11.20 -10.05 11.24
CA PHE A 261 10.00 -10.18 12.05
C PHE A 261 10.09 -11.32 13.06
N PRO A 262 9.53 -11.12 14.26
CA PRO A 262 9.56 -12.15 15.32
C PRO A 262 8.91 -13.44 14.83
N ALA A 263 9.27 -14.54 15.47
CA ALA A 263 8.70 -15.85 15.14
C ALA A 263 7.26 -15.74 15.62
N PRO A 264 6.31 -16.41 14.94
CA PRO A 264 6.42 -17.28 13.77
C PRO A 264 6.18 -16.58 12.43
N TRP A 265 6.27 -15.26 12.38
CA TRP A 265 5.94 -14.59 11.13
C TRP A 265 6.77 -14.99 9.91
N GLY A 266 8.06 -15.19 10.07
CA GLY A 266 8.86 -15.63 8.94
C GLY A 266 8.34 -16.96 8.39
N PRO A 267 8.28 -17.99 9.23
CA PRO A 267 7.77 -19.29 8.76
C PRO A 267 6.34 -19.22 8.22
N LEU A 268 5.52 -18.40 8.87
CA LEU A 268 4.11 -18.26 8.44
C LEU A 268 4.00 -17.69 7.04
N ILE A 269 4.73 -16.61 6.76
CA ILE A 269 4.67 -16.04 5.43
C ILE A 269 5.24 -17.01 4.40
N GLU A 270 6.33 -17.69 4.76
CA GLU A 270 6.96 -18.65 3.85
C GLU A 270 6.00 -19.77 3.47
N ALA A 271 5.30 -20.29 4.46
CA ALA A 271 4.33 -21.37 4.27
C ALA A 271 3.19 -20.97 3.35
N MET A 272 2.74 -19.72 3.43
CA MET A 272 1.65 -19.27 2.58
C MET A 272 2.11 -19.14 1.12
N ALA A 273 3.34 -18.69 0.93
CA ALA A 273 3.89 -18.52 -0.41
C ALA A 273 3.91 -19.85 -1.17
N ALA A 274 4.14 -20.93 -0.44
CA ALA A 274 4.20 -22.26 -1.04
C ALA A 274 2.86 -23.00 -1.10
N ILE A 275 1.85 -22.50 -0.39
CA ILE A 275 0.54 -23.15 -0.36
C ILE A 275 -0.25 -22.80 -1.63
N ILE B 2 4.96 38.38 -3.05
CA ILE B 2 5.91 38.12 -4.13
C ILE B 2 5.15 37.73 -5.39
N GLN B 3 5.55 38.27 -6.54
CA GLN B 3 4.88 37.95 -7.79
C GLN B 3 5.38 36.62 -8.34
N THR B 4 6.02 36.66 -9.50
CA THR B 4 6.51 35.45 -10.12
C THR B 4 7.99 35.52 -10.48
N GLU B 5 8.41 36.58 -11.17
CA GLU B 5 9.81 36.65 -11.56
C GLU B 5 10.68 36.86 -10.35
N ARG B 6 10.16 37.49 -9.30
CA ARG B 6 10.96 37.67 -8.10
C ARG B 6 11.26 36.29 -7.54
N ALA B 7 10.23 35.43 -7.50
CA ALA B 7 10.39 34.07 -6.99
C ALA B 7 11.36 33.30 -7.90
N VAL B 8 11.11 33.34 -9.20
CA VAL B 8 11.99 32.65 -10.14
C VAL B 8 13.44 33.08 -9.95
N GLN B 9 13.67 34.38 -9.79
CA GLN B 9 15.04 34.86 -9.66
C GLN B 9 15.64 34.47 -8.31
N GLN B 10 14.79 34.39 -7.29
CA GLN B 10 15.31 33.99 -5.97
C GLN B 10 15.73 32.51 -6.05
N VAL B 11 14.95 31.70 -6.77
CA VAL B 11 15.25 30.27 -6.94
C VAL B 11 16.50 30.15 -7.84
N LEU B 12 16.55 30.96 -8.89
CA LEU B 12 17.69 30.91 -9.81
C LEU B 12 19.01 31.32 -9.12
N GLU B 13 18.94 32.37 -8.31
CA GLU B 13 20.10 32.89 -7.57
C GLU B 13 20.75 31.80 -6.72
N TRP B 14 19.89 31.07 -6.02
CA TRP B 14 20.31 29.98 -5.15
C TRP B 14 20.83 28.83 -6.02
N GLY B 15 20.18 28.61 -7.16
CA GLY B 15 20.63 27.57 -8.06
C GLY B 15 22.04 27.77 -8.59
N ARG B 16 22.56 28.99 -8.55
CA ARG B 16 23.91 29.23 -9.06
C ARG B 16 24.92 28.56 -8.14
N SER B 17 24.48 28.20 -6.93
CA SER B 17 25.36 27.53 -5.99
C SER B 17 25.19 26.02 -6.11
N LEU B 18 24.69 25.57 -7.26
CA LEU B 18 24.53 24.14 -7.54
C LEU B 18 25.06 23.85 -8.95
N THR B 19 26.17 23.14 -9.06
CA THR B 19 26.73 22.80 -10.37
C THR B 19 25.72 21.98 -11.19
N GLY B 20 25.54 22.37 -12.45
CA GLY B 20 24.61 21.67 -13.31
C GLY B 20 23.21 22.24 -13.32
N PHE B 21 22.93 23.18 -12.41
CA PHE B 21 21.61 23.77 -12.35
C PHE B 21 21.30 24.47 -13.66
N ALA B 22 20.07 24.30 -14.15
CA ALA B 22 19.69 24.94 -15.42
C ALA B 22 18.55 25.93 -15.18
N ASP B 23 18.36 26.88 -16.07
CA ASP B 23 17.28 27.81 -15.87
C ASP B 23 15.93 27.14 -15.73
N GLU B 24 15.69 26.11 -16.54
CA GLU B 24 14.42 25.40 -16.52
C GLU B 24 14.08 24.79 -15.17
N HIS B 25 15.11 24.38 -14.42
CA HIS B 25 14.87 23.82 -13.10
C HIS B 25 14.16 24.85 -12.23
N ALA B 26 14.62 26.09 -12.28
CA ALA B 26 14.00 27.15 -11.50
C ALA B 26 12.65 27.53 -12.08
N VAL B 27 12.62 27.73 -13.38
CA VAL B 27 11.38 28.13 -14.05
C VAL B 27 10.25 27.14 -13.85
N GLU B 28 10.48 25.87 -14.11
CA GLU B 28 9.44 24.86 -13.96
C GLU B 28 9.04 24.58 -12.50
N ALA B 29 9.97 24.79 -11.58
CA ALA B 29 9.65 24.59 -10.15
C ALA B 29 8.67 25.66 -9.71
N VAL B 30 8.94 26.90 -10.09
CA VAL B 30 8.06 28.00 -9.73
C VAL B 30 6.70 27.83 -10.41
N ARG B 31 6.70 27.42 -11.68
CA ARG B 31 5.42 27.23 -12.36
C ARG B 31 4.59 26.12 -11.72
N GLY B 32 5.23 24.99 -11.42
CA GLY B 32 4.47 23.91 -10.82
C GLY B 32 4.08 24.28 -9.41
N GLY B 33 5.01 24.92 -8.70
CA GLY B 33 4.75 25.32 -7.32
C GLY B 33 3.65 26.35 -7.19
N GLN B 34 3.60 27.32 -8.12
CA GLN B 34 2.57 28.36 -8.08
C GLN B 34 1.21 27.70 -8.28
N TYR B 35 1.19 26.71 -9.17
CA TYR B 35 -0.01 25.97 -9.47
C TYR B 35 -0.58 25.30 -8.23
N ILE B 36 0.28 24.60 -7.48
CA ILE B 36 -0.16 23.92 -6.27
C ILE B 36 -0.64 24.90 -5.19
N LEU B 37 0.15 25.94 -4.94
CA LEU B 37 -0.18 26.91 -3.91
C LEU B 37 -1.48 27.68 -4.22
N GLN B 38 -1.75 27.90 -5.49
CA GLN B 38 -2.96 28.59 -5.93
C GLN B 38 -4.18 27.71 -5.69
N ARG B 39 -4.06 26.41 -5.99
CA ARG B 39 -5.17 25.49 -5.80
C ARG B 39 -5.52 25.17 -4.35
N ILE B 40 -4.56 25.31 -3.43
CA ILE B 40 -4.81 25.02 -2.03
C ILE B 40 -4.92 26.28 -1.18
N HIS B 41 -4.74 27.45 -1.80
CA HIS B 41 -4.80 28.71 -1.07
C HIS B 41 -6.01 28.85 -0.13
N PRO B 42 -7.23 28.66 -0.65
CA PRO B 42 -8.40 28.79 0.23
C PRO B 42 -8.31 27.91 1.48
N SER B 43 -7.94 26.64 1.29
CA SER B 43 -7.81 25.71 2.41
C SER B 43 -6.72 26.13 3.38
N LEU B 44 -5.59 26.59 2.84
CA LEU B 44 -4.46 27.01 3.66
C LEU B 44 -4.76 28.17 4.59
N ARG B 45 -5.30 29.25 4.04
CA ARG B 45 -5.62 30.43 4.85
C ARG B 45 -6.47 30.08 6.05
N GLY B 46 -7.23 28.99 5.93
CA GLY B 46 -8.05 28.55 7.03
C GLY B 46 -7.17 28.04 8.17
N THR B 47 -6.29 27.09 7.87
CA THR B 47 -5.38 26.52 8.86
C THR B 47 -4.39 27.57 9.35
N SER B 48 -4.28 28.66 8.61
CA SER B 48 -3.36 29.73 8.96
C SER B 48 -3.63 30.30 10.35
N ALA B 49 -4.86 30.15 10.81
CA ALA B 49 -5.25 30.64 12.13
C ALA B 49 -4.50 29.89 13.22
N ARG B 50 -4.55 28.56 13.13
CA ARG B 50 -3.90 27.68 14.09
C ARG B 50 -2.38 27.70 14.04
N THR B 51 -1.82 27.57 12.84
CA THR B 51 -0.38 27.51 12.65
C THR B 51 0.38 28.84 12.66
N GLY B 52 -0.28 29.92 12.26
CA GLY B 52 0.40 31.20 12.23
C GLY B 52 1.34 31.27 11.03
N ARG B 53 1.15 30.37 10.08
CA ARG B 53 1.96 30.32 8.87
C ARG B 53 1.15 30.93 7.73
N ASP B 54 1.54 32.12 7.29
CA ASP B 54 0.83 32.81 6.23
C ASP B 54 1.05 32.23 4.84
N PRO B 55 -0.05 31.90 4.13
CA PRO B 55 -0.01 31.33 2.78
C PRO B 55 0.81 32.18 1.81
N GLN B 56 0.93 33.47 2.10
CA GLN B 56 1.68 34.35 1.23
C GLN B 56 3.07 34.67 1.74
N ASP B 57 3.49 34.00 2.81
CA ASP B 57 4.81 34.24 3.36
C ASP B 57 5.85 33.98 2.27
N GLU B 58 6.52 35.04 1.84
CA GLU B 58 7.52 34.96 0.79
C GLU B 58 8.62 33.96 1.12
N THR B 59 9.09 34.00 2.36
CA THR B 59 10.14 33.10 2.81
C THR B 59 9.71 31.64 2.66
N LEU B 60 8.50 31.32 3.06
CA LEU B 60 7.99 29.94 2.95
C LEU B 60 7.79 29.55 1.48
N ILE B 61 7.26 30.46 0.69
CA ILE B 61 7.01 30.16 -0.72
C ILE B 61 8.29 29.86 -1.51
N VAL B 62 9.30 30.71 -1.35
CA VAL B 62 10.56 30.55 -2.06
C VAL B 62 11.27 29.28 -1.63
N THR B 63 11.20 28.97 -0.34
CA THR B 63 11.83 27.74 0.14
C THR B 63 11.15 26.54 -0.48
N PHE B 64 9.82 26.56 -0.56
CA PHE B 64 9.09 25.46 -1.17
C PHE B 64 9.50 25.32 -2.64
N TYR B 65 9.66 26.44 -3.34
CA TYR B 65 10.04 26.40 -4.75
C TYR B 65 11.46 25.88 -4.91
N ARG B 66 12.34 26.25 -3.98
CA ARG B 66 13.72 25.78 -4.07
C ARG B 66 13.76 24.27 -3.92
N GLU B 67 12.92 23.70 -3.05
CA GLU B 67 12.91 22.24 -2.87
C GLU B 67 12.42 21.58 -4.17
N LEU B 68 11.44 22.20 -4.82
CA LEU B 68 10.93 21.64 -6.07
C LEU B 68 12.02 21.69 -7.13
N ALA B 69 12.77 22.79 -7.16
CA ALA B 69 13.85 22.94 -8.14
C ALA B 69 14.94 21.92 -7.84
N LEU B 70 15.21 21.71 -6.55
CA LEU B 70 16.22 20.75 -6.15
C LEU B 70 15.80 19.39 -6.70
N LEU B 71 14.52 19.04 -6.55
CA LEU B 71 14.05 17.74 -7.03
C LEU B 71 14.18 17.57 -8.55
N PHE B 72 13.86 18.63 -9.28
CA PHE B 72 13.95 18.57 -10.73
C PHE B 72 15.42 18.42 -11.12
N TRP B 73 16.27 19.24 -10.50
CA TRP B 73 17.71 19.22 -10.77
C TRP B 73 18.30 17.83 -10.49
N LEU B 74 17.97 17.26 -9.32
CA LEU B 74 18.49 15.93 -9.01
C LEU B 74 18.06 14.91 -10.07
N CYS B 75 16.82 15.02 -10.53
CA CYS B 75 16.33 14.09 -11.54
C CYS B 75 17.15 14.20 -12.82
N ASP B 76 17.43 15.42 -13.26
CA ASP B 76 18.24 15.60 -14.47
C ASP B 76 19.68 15.16 -14.24
N CYS B 77 20.18 15.40 -13.04
CA CYS B 77 21.54 15.00 -12.73
C CYS B 77 21.68 13.51 -12.97
N ASN B 78 20.63 12.76 -12.66
CA ASN B 78 20.63 11.31 -12.86
C ASN B 78 20.37 10.90 -14.29
N ASP B 79 19.25 11.36 -14.85
CA ASP B 79 18.89 10.99 -16.19
C ASP B 79 19.79 11.53 -17.29
N LEU B 80 20.44 12.67 -17.04
CA LEU B 80 21.30 13.28 -18.06
C LEU B 80 22.78 13.39 -17.73
N GLY B 81 23.18 12.85 -16.58
CA GLY B 81 24.57 12.94 -16.19
C GLY B 81 25.13 14.36 -16.14
N LEU B 82 24.35 15.31 -15.62
CA LEU B 82 24.80 16.70 -15.54
C LEU B 82 26.05 16.86 -14.68
N ILE B 83 26.19 16.03 -13.65
CA ILE B 83 27.35 16.09 -12.78
C ILE B 83 27.94 14.69 -12.69
N SER B 84 29.17 14.56 -12.19
CA SER B 84 29.80 13.25 -12.12
C SER B 84 29.19 12.37 -11.06
N PRO B 85 29.41 11.04 -11.18
CA PRO B 85 28.87 10.09 -10.21
C PRO B 85 29.42 10.40 -8.81
N GLU B 86 30.67 10.85 -8.76
CA GLU B 86 31.29 11.20 -7.47
C GLU B 86 30.56 12.41 -6.89
N GLN B 87 30.32 13.39 -7.74
CA GLN B 87 29.62 14.59 -7.28
C GLN B 87 28.20 14.23 -6.84
N LEU B 88 27.52 13.38 -7.60
CA LEU B 88 26.15 13.00 -7.27
C LEU B 88 26.09 12.32 -5.91
N ALA B 89 27.02 11.39 -5.66
CA ALA B 89 27.07 10.70 -4.38
C ALA B 89 27.33 11.71 -3.24
N ALA B 90 28.22 12.68 -3.46
CA ALA B 90 28.49 13.68 -2.42
C ALA B 90 27.28 14.58 -2.15
N VAL B 91 26.58 14.95 -3.22
CA VAL B 91 25.38 15.77 -3.11
C VAL B 91 24.26 15.00 -2.41
N GLU B 92 24.05 13.76 -2.80
CA GLU B 92 23.00 12.98 -2.17
C GLU B 92 23.31 12.71 -0.69
N GLN B 93 24.58 12.59 -0.35
CA GLN B 93 24.95 12.36 1.04
C GLN B 93 24.63 13.62 1.85
N ALA B 94 24.96 14.79 1.29
CA ALA B 94 24.71 16.05 1.96
C ALA B 94 23.21 16.30 2.16
N LEU B 95 22.46 16.20 1.06
CA LEU B 95 21.01 16.42 1.13
C LEU B 95 20.28 15.42 2.03
N GLY B 96 20.79 14.20 2.12
CA GLY B 96 20.13 13.18 2.92
C GLY B 96 20.37 13.28 4.42
N GLN B 97 21.37 14.06 4.80
CA GLN B 97 21.70 14.22 6.21
C GLN B 97 21.53 15.67 6.62
N GLY B 98 21.25 16.51 5.63
CA GLY B 98 21.10 17.93 5.93
C GLY B 98 22.41 18.59 6.35
N VAL B 99 23.51 18.19 5.72
CA VAL B 99 24.82 18.78 6.02
C VAL B 99 25.41 19.38 4.75
N PRO B 100 26.51 20.15 4.87
CA PRO B 100 27.10 20.75 3.66
C PRO B 100 27.75 19.67 2.80
N CYS B 101 27.72 19.90 1.49
CA CYS B 101 28.36 18.99 0.54
C CYS B 101 29.86 19.08 0.77
N ALA B 102 30.54 17.93 0.72
CA ALA B 102 32.00 17.88 0.94
C ALA B 102 32.80 18.32 -0.29
N LEU B 103 32.17 18.27 -1.44
CA LEU B 103 32.77 18.69 -2.70
C LEU B 103 32.35 20.11 -3.06
N PRO B 104 33.26 20.88 -3.67
CA PRO B 104 32.94 22.26 -4.05
C PRO B 104 31.89 22.39 -5.17
N GLY B 105 31.23 23.54 -5.21
CA GLY B 105 30.23 23.82 -6.24
C GLY B 105 28.80 23.44 -5.92
N PHE B 106 28.53 23.07 -4.68
CA PHE B 106 27.21 22.65 -4.27
C PHE B 106 26.77 23.26 -2.94
N GLU B 107 27.15 24.51 -2.72
CA GLU B 107 26.81 25.20 -1.46
C GLU B 107 25.30 25.35 -1.27
N GLY B 108 24.55 25.33 -2.37
CA GLY B 108 23.10 25.43 -2.27
C GLY B 108 22.47 24.35 -1.41
N CYS B 109 23.13 23.18 -1.34
CA CYS B 109 22.59 22.10 -0.52
C CYS B 109 22.52 22.49 0.96
N ALA B 110 23.62 23.05 1.46
CA ALA B 110 23.66 23.44 2.86
C ALA B 110 22.66 24.56 3.16
N VAL B 111 22.58 25.53 2.25
CA VAL B 111 21.69 26.67 2.43
C VAL B 111 20.23 26.26 2.53
N LEU B 112 19.80 25.44 1.59
CA LEU B 112 18.42 25.00 1.54
C LEU B 112 18.06 24.13 2.74
N ARG B 113 18.90 23.16 3.04
CA ARG B 113 18.59 22.29 4.17
C ARG B 113 18.60 23.07 5.51
N ALA B 114 19.53 24.01 5.66
CA ALA B 114 19.59 24.81 6.88
C ALA B 114 18.28 25.59 7.00
N SER B 115 17.80 26.11 5.87
CA SER B 115 16.55 26.86 5.85
C SER B 115 15.36 26.01 6.26
N LEU B 116 15.28 24.82 5.68
CA LEU B 116 14.19 23.93 5.99
C LEU B 116 14.19 23.56 7.48
N ALA B 117 15.37 23.33 8.03
CA ALA B 117 15.44 22.98 9.45
C ALA B 117 14.91 24.14 10.30
N THR B 118 15.38 25.35 10.02
CA THR B 118 14.94 26.55 10.75
C THR B 118 13.44 26.80 10.65
N LEU B 119 12.88 26.63 9.46
CA LEU B 119 11.45 26.90 9.23
C LEU B 119 10.47 25.78 9.57
N ALA B 120 10.98 24.57 9.77
CA ALA B 120 10.10 23.45 10.07
C ALA B 120 9.16 23.74 11.25
N TYR B 121 7.86 23.67 10.98
CA TYR B 121 6.85 23.91 12.00
C TYR B 121 7.00 22.80 13.02
N ASP B 122 6.93 21.56 12.55
CA ASP B 122 7.09 20.37 13.39
C ASP B 122 8.37 19.72 12.84
N ARG B 123 9.46 19.77 13.62
CA ARG B 123 10.73 19.23 13.15
C ARG B 123 10.69 17.79 12.69
N ARG B 124 9.65 17.05 13.07
CA ARG B 124 9.57 15.67 12.63
C ARG B 124 9.43 15.63 11.11
N ASP B 125 8.86 16.69 10.53
CA ASP B 125 8.72 16.75 9.07
C ASP B 125 10.08 16.96 8.41
N TYR B 126 10.98 17.63 9.11
CA TYR B 126 12.31 17.87 8.58
C TYR B 126 13.05 16.55 8.50
N ALA B 127 12.96 15.75 9.56
CA ALA B 127 13.61 14.43 9.55
C ALA B 127 12.98 13.59 8.45
N GLN B 128 11.65 13.68 8.32
CA GLN B 128 10.91 12.94 7.29
C GLN B 128 11.36 13.38 5.89
N LEU B 129 11.61 14.68 5.72
CA LEU B 129 12.05 15.17 4.43
C LEU B 129 13.42 14.62 4.08
N LEU B 130 14.31 14.54 5.08
CA LEU B 130 15.66 14.00 4.85
C LEU B 130 15.48 12.53 4.40
N ASP B 131 14.57 11.83 5.07
CA ASP B 131 14.26 10.44 4.76
C ASP B 131 13.71 10.33 3.31
N ASP B 132 12.77 11.19 2.96
CA ASP B 132 12.20 11.15 1.62
C ASP B 132 13.26 11.48 0.56
N THR B 133 14.21 12.35 0.92
CA THR B 133 15.26 12.74 0.00
C THR B 133 16.13 11.51 -0.30
N ARG B 134 16.47 10.75 0.74
CA ARG B 134 17.28 9.54 0.55
C ARG B 134 16.55 8.50 -0.27
N CYS B 135 15.26 8.37 -0.04
CA CYS B 135 14.45 7.41 -0.76
C CYS B 135 14.42 7.80 -2.24
N TYR B 136 14.14 9.08 -2.48
CA TYR B 136 14.06 9.63 -3.82
C TYR B 136 15.36 9.37 -4.55
N SER B 137 16.48 9.80 -3.94
CA SER B 137 17.80 9.61 -4.55
C SER B 137 18.03 8.17 -4.97
N ALA B 138 17.72 7.24 -4.06
CA ALA B 138 17.91 5.83 -4.33
C ALA B 138 17.00 5.29 -5.45
N ALA B 139 15.76 5.77 -5.51
CA ALA B 139 14.82 5.32 -6.55
C ALA B 139 15.25 5.82 -7.93
N LEU B 140 15.81 7.04 -7.98
CA LEU B 140 16.27 7.56 -9.26
C LEU B 140 17.43 6.69 -9.76
N ARG B 141 18.33 6.36 -8.85
CA ARG B 141 19.50 5.54 -9.20
C ARG B 141 19.15 4.12 -9.56
N ALA B 142 18.33 3.47 -8.75
CA ALA B 142 17.93 2.09 -9.00
C ALA B 142 17.18 1.99 -10.32
N GLY B 143 16.37 2.98 -10.63
CA GLY B 143 15.60 2.95 -11.86
C GLY B 143 16.46 3.18 -13.10
N HIS B 144 17.45 4.05 -12.96
CA HIS B 144 18.34 4.35 -14.07
C HIS B 144 19.15 3.12 -14.43
N ALA B 145 19.54 2.35 -13.41
CA ALA B 145 20.33 1.15 -13.60
C ALA B 145 19.53 -0.09 -14.01
N GLN B 146 18.25 0.08 -14.29
CA GLN B 146 17.39 -1.04 -14.70
C GLN B 146 16.86 -0.85 -16.12
N ARG B 152 14.59 -6.62 -17.16
CA ARG B 152 14.58 -7.54 -16.01
C ARG B 152 13.54 -7.15 -14.95
N TRP B 153 13.07 -5.89 -15.04
CA TRP B 153 12.09 -5.34 -14.10
C TRP B 153 10.64 -5.71 -14.34
N SER B 154 9.97 -6.23 -13.31
CA SER B 154 8.56 -6.57 -13.46
C SER B 154 7.82 -5.27 -13.32
N TYR B 155 6.61 -5.20 -13.87
CA TYR B 155 5.80 -4.01 -13.81
C TYR B 155 5.53 -3.62 -12.35
N ALA B 156 5.39 -4.63 -11.51
CA ALA B 156 5.13 -4.43 -10.08
C ALA B 156 6.32 -3.72 -9.45
N GLU B 157 7.51 -4.28 -9.65
CA GLU B 157 8.73 -3.69 -9.10
C GLU B 157 8.96 -2.31 -9.70
N TYR B 158 8.63 -2.16 -10.98
CA TYR B 158 8.81 -0.88 -11.64
C TYR B 158 7.95 0.19 -11.00
N LEU B 159 6.69 -0.15 -10.78
CA LEU B 159 5.73 0.77 -10.20
C LEU B 159 6.08 1.07 -8.73
N HIS B 160 6.62 0.08 -8.03
CA HIS B 160 6.98 0.30 -6.64
C HIS B 160 8.11 1.34 -6.55
N ASN B 161 9.13 1.19 -7.41
CA ASN B 161 10.24 2.13 -7.40
C ASN B 161 9.79 3.48 -7.93
N GLY B 162 8.98 3.44 -8.98
CA GLY B 162 8.49 4.66 -9.60
C GLY B 162 7.70 5.55 -8.66
N ILE B 163 7.04 4.93 -7.70
CA ILE B 163 6.25 5.67 -6.73
C ILE B 163 7.17 6.55 -5.89
N ASP B 164 8.39 6.09 -5.63
CA ASP B 164 9.33 6.89 -4.85
C ASP B 164 10.09 7.90 -5.71
N SER B 165 10.35 7.53 -6.96
CA SER B 165 11.09 8.41 -7.86
C SER B 165 10.26 9.57 -8.39
N ILE B 166 8.94 9.50 -8.23
CA ILE B 166 8.09 10.58 -8.71
C ILE B 166 8.14 11.77 -7.74
N ALA B 167 8.61 11.50 -6.51
CA ALA B 167 8.79 12.53 -5.50
C ALA B 167 7.59 13.28 -4.95
N TYR B 168 6.40 12.74 -5.13
CA TYR B 168 5.22 13.41 -4.60
C TYR B 168 5.27 13.39 -3.06
N ALA B 169 5.91 12.36 -2.49
CA ALA B 169 5.99 12.28 -1.03
C ALA B 169 6.80 13.45 -0.51
N ASN B 170 7.86 13.78 -1.24
CA ASN B 170 8.73 14.88 -0.86
C ASN B 170 7.97 16.21 -0.94
N VAL B 171 7.18 16.37 -1.99
CA VAL B 171 6.40 17.59 -2.18
C VAL B 171 5.42 17.78 -1.02
N PHE B 172 4.73 16.71 -0.66
CA PHE B 172 3.77 16.79 0.43
C PHE B 172 4.48 17.10 1.73
N CYS B 173 5.60 16.43 1.98
CA CYS B 173 6.32 16.66 3.22
C CYS B 173 6.87 18.09 3.32
N CYS B 174 7.35 18.65 2.21
CA CYS B 174 7.88 20.00 2.27
C CYS B 174 6.72 20.97 2.62
N LEU B 175 5.56 20.77 2.00
CA LEU B 175 4.39 21.62 2.26
C LEU B 175 4.00 21.54 3.72
N SER B 176 4.00 20.33 4.25
CA SER B 176 3.66 20.13 5.66
C SER B 176 4.66 20.86 6.52
N LEU B 177 5.95 20.66 6.26
CA LEU B 177 7.01 21.31 7.03
C LEU B 177 6.86 22.83 7.14
N LEU B 178 6.63 23.49 6.01
CA LEU B 178 6.51 24.93 5.95
C LEU B 178 5.18 25.53 6.44
N TRP B 179 4.07 24.85 6.22
CA TRP B 179 2.77 25.40 6.63
C TRP B 179 2.09 24.69 7.80
N GLY B 180 2.82 23.78 8.45
CA GLY B 180 2.29 23.06 9.60
C GLY B 180 1.06 22.24 9.31
N LEU B 181 1.12 21.39 8.29
CA LEU B 181 -0.03 20.58 7.91
C LEU B 181 -0.11 19.23 8.64
N ASP B 182 0.74 19.06 9.65
CA ASP B 182 0.74 17.86 10.48
C ASP B 182 0.77 16.52 9.70
N MET B 183 1.55 16.46 8.65
CA MET B 183 1.64 15.21 7.90
C MET B 183 2.26 14.12 8.78
N ALA B 184 3.13 14.53 9.70
CA ALA B 184 3.81 13.57 10.59
C ALA B 184 2.77 12.78 11.40
N THR B 185 1.62 13.39 11.66
CA THR B 185 0.57 12.72 12.41
C THR B 185 -0.34 11.95 11.47
N LEU B 186 -0.71 12.56 10.34
CA LEU B 186 -1.58 11.90 9.37
C LEU B 186 -0.94 10.64 8.80
N ARG B 187 0.39 10.59 8.79
CA ARG B 187 1.12 9.44 8.27
C ARG B 187 0.75 8.16 8.99
N ALA B 188 0.37 8.29 10.26
CA ALA B 188 0.01 7.13 11.08
C ALA B 188 -1.24 6.40 10.59
N ARG B 189 -2.10 7.09 9.85
CA ARG B 189 -3.32 6.48 9.36
C ARG B 189 -3.10 5.68 8.07
N PRO B 190 -3.27 4.35 8.13
CA PRO B 190 -3.09 3.48 6.96
C PRO B 190 -3.76 4.02 5.69
N ALA B 191 -4.90 4.68 5.85
CA ALA B 191 -5.62 5.22 4.70
C ALA B 191 -4.84 6.35 4.02
N PHE B 192 -4.25 7.23 4.82
CA PHE B 192 -3.46 8.34 4.29
C PHE B 192 -2.28 7.76 3.50
N ARG B 193 -1.63 6.76 4.08
CA ARG B 193 -0.49 6.12 3.42
C ARG B 193 -0.92 5.52 2.09
N GLN B 194 -2.14 4.99 2.05
CA GLN B 194 -2.67 4.39 0.82
C GLN B 194 -2.85 5.44 -0.26
N VAL B 195 -3.43 6.58 0.11
CA VAL B 195 -3.63 7.66 -0.85
C VAL B 195 -2.29 8.16 -1.38
N LEU B 196 -1.30 8.24 -0.49
CA LEU B 196 0.03 8.68 -0.86
C LEU B 196 0.58 7.79 -1.98
N ARG B 197 0.38 6.48 -1.83
CA ARG B 197 0.87 5.57 -2.85
C ARG B 197 0.09 5.70 -4.16
N LEU B 198 -1.22 5.90 -4.08
CA LEU B 198 -2.04 6.04 -5.29
C LEU B 198 -1.74 7.32 -6.09
N ILE B 199 -1.70 8.47 -5.42
CA ILE B 199 -1.42 9.72 -6.13
C ILE B 199 -0.04 9.64 -6.76
N SER B 200 0.92 9.01 -6.09
CA SER B 200 2.26 8.87 -6.61
C SER B 200 2.28 7.98 -7.86
N ALA B 201 1.53 6.87 -7.81
CA ALA B 201 1.47 5.96 -8.95
C ALA B 201 0.79 6.67 -10.11
N ILE B 202 -0.23 7.46 -9.79
CA ILE B 202 -0.94 8.23 -10.79
C ILE B 202 0.10 9.14 -11.47
N GLY B 203 0.87 9.84 -10.63
CA GLY B 203 1.90 10.73 -11.13
C GLY B 203 2.93 10.01 -11.97
N ARG B 204 3.38 8.84 -11.52
CA ARG B 204 4.36 8.07 -12.27
C ARG B 204 3.84 7.61 -13.64
N LEU B 205 2.61 7.11 -13.67
CA LEU B 205 2.03 6.64 -14.94
C LEU B 205 1.84 7.79 -15.91
N GLN B 206 1.29 8.90 -15.43
CA GLN B 206 1.06 10.07 -16.25
C GLN B 206 2.36 10.51 -16.92
N ASN B 207 3.46 10.38 -16.21
CA ASN B 207 4.77 10.76 -16.73
C ASN B 207 5.29 9.78 -17.77
N ASP B 208 5.25 8.49 -17.44
CA ASP B 208 5.72 7.46 -18.36
C ASP B 208 4.90 7.45 -19.64
N LEU B 209 3.64 7.84 -19.53
CA LEU B 209 2.75 7.91 -20.68
C LEU B 209 2.90 9.29 -21.27
N HIS B 210 2.75 10.29 -20.40
CA HIS B 210 2.85 11.70 -20.77
C HIS B 210 1.59 12.12 -21.53
N ASP B 222 14.44 3.20 -16.93
CA ASP B 222 13.76 3.46 -18.20
C ASP B 222 12.37 4.01 -17.92
N ASN B 223 11.38 3.52 -18.66
CA ASN B 223 10.00 3.97 -18.51
C ASN B 223 9.06 2.78 -18.69
N ALA B 224 7.86 2.88 -18.12
CA ALA B 224 6.87 1.80 -18.20
C ALA B 224 6.56 1.32 -19.61
N VAL B 225 6.10 2.25 -20.46
CA VAL B 225 5.79 1.95 -21.85
C VAL B 225 6.89 1.14 -22.52
N ILE B 226 8.12 1.62 -22.41
CA ILE B 226 9.26 0.93 -22.99
C ILE B 226 9.47 -0.44 -22.38
N LEU B 227 9.53 -0.49 -21.05
CA LEU B 227 9.74 -1.74 -20.34
C LEU B 227 8.79 -2.83 -20.80
N LEU B 228 7.50 -2.50 -20.87
CA LEU B 228 6.49 -3.47 -21.28
C LEU B 228 6.54 -3.80 -22.76
N LEU B 229 6.97 -2.84 -23.58
CA LEU B 229 7.07 -3.08 -25.02
C LEU B 229 8.22 -4.03 -25.31
N GLN B 230 9.35 -3.83 -24.62
CA GLN B 230 10.49 -4.70 -24.83
C GLN B 230 10.11 -6.14 -24.52
N ARG B 231 9.37 -6.33 -23.42
CA ARG B 231 8.92 -7.66 -22.99
C ARG B 231 7.72 -8.22 -23.73
N TYR B 232 6.70 -7.40 -23.94
CA TYR B 232 5.48 -7.86 -24.59
C TYR B 232 5.16 -7.08 -25.87
N PRO B 233 5.95 -7.33 -26.94
CA PRO B 233 5.80 -6.68 -28.24
C PRO B 233 4.37 -6.63 -28.79
N ALA B 234 3.55 -7.60 -28.42
CA ALA B 234 2.18 -7.65 -28.91
C ALA B 234 1.16 -7.05 -27.96
N MET B 235 1.62 -6.55 -26.82
CA MET B 235 0.73 -5.97 -25.83
C MET B 235 0.35 -4.52 -26.12
N PRO B 236 -0.94 -4.18 -25.96
CA PRO B 236 -1.45 -2.82 -26.20
C PRO B 236 -1.00 -1.91 -25.07
N VAL B 237 0.22 -2.13 -24.57
CA VAL B 237 0.81 -1.38 -23.47
C VAL B 237 0.29 0.03 -23.27
N VAL B 238 0.06 0.75 -24.36
CA VAL B 238 -0.42 2.12 -24.24
C VAL B 238 -1.82 2.20 -23.64
N GLU B 239 -2.74 1.39 -24.14
CA GLU B 239 -4.11 1.40 -23.62
C GLU B 239 -4.12 0.83 -22.20
N PHE B 240 -3.41 -0.28 -22.01
CA PHE B 240 -3.30 -0.93 -20.71
C PHE B 240 -2.85 0.08 -19.67
N LEU B 241 -1.69 0.70 -19.90
CA LEU B 241 -1.16 1.68 -18.98
C LEU B 241 -2.14 2.82 -18.79
N ASN B 242 -2.95 3.10 -19.81
CA ASN B 242 -3.94 4.16 -19.71
C ASN B 242 -5.12 3.72 -18.85
N ASP B 243 -5.44 2.43 -18.90
CA ASP B 243 -6.52 1.89 -18.09
C ASP B 243 -6.00 1.91 -16.65
N GLU B 244 -4.75 1.48 -16.49
CA GLU B 244 -4.11 1.48 -15.16
C GLU B 244 -4.23 2.87 -14.54
N LEU B 245 -4.02 3.90 -15.34
CA LEU B 245 -4.12 5.27 -14.86
C LEU B 245 -5.56 5.55 -14.45
N ALA B 246 -6.49 5.13 -15.30
CA ALA B 246 -7.90 5.30 -15.00
C ALA B 246 -8.20 4.56 -13.70
N GLY B 247 -7.78 3.30 -13.64
CA GLY B 247 -8.00 2.49 -12.45
C GLY B 247 -7.55 3.12 -11.15
N HIS B 248 -6.30 3.59 -11.14
CA HIS B 248 -5.76 4.21 -9.95
C HIS B 248 -6.53 5.47 -9.58
N THR B 249 -6.93 6.26 -10.57
CA THR B 249 -7.67 7.48 -10.28
C THR B 249 -9.00 7.18 -9.59
N ARG B 250 -9.68 6.13 -10.02
CA ARG B 250 -10.96 5.76 -9.40
C ARG B 250 -10.73 5.31 -7.96
N MET B 251 -9.70 4.49 -7.74
CA MET B 251 -9.41 4.01 -6.40
C MET B 251 -9.10 5.19 -5.49
N LEU B 252 -8.40 6.18 -6.05
CA LEU B 252 -8.06 7.38 -5.29
C LEU B 252 -9.33 8.10 -4.85
N HIS B 253 -10.27 8.26 -5.78
CA HIS B 253 -11.52 8.95 -5.46
C HIS B 253 -12.28 8.21 -4.36
N ARG B 254 -12.46 6.91 -4.55
CA ARG B 254 -13.17 6.08 -3.60
C ARG B 254 -12.60 6.23 -2.20
N VAL B 255 -11.28 6.23 -2.07
CA VAL B 255 -10.66 6.38 -0.77
C VAL B 255 -10.80 7.81 -0.27
N MET B 256 -10.77 8.77 -1.19
CA MET B 256 -10.91 10.17 -0.81
C MET B 256 -12.28 10.41 -0.17
N ALA B 257 -13.29 9.70 -0.66
CA ALA B 257 -14.64 9.83 -0.13
C ALA B 257 -14.75 9.06 1.20
N GLU B 258 -14.55 7.75 1.14
CA GLU B 258 -14.60 6.88 2.31
C GLU B 258 -13.87 7.48 3.51
N GLU B 259 -12.79 8.21 3.22
CA GLU B 259 -12.00 8.85 4.26
C GLU B 259 -12.21 10.34 4.15
N ARG B 260 -11.99 11.06 5.25
CA ARG B 260 -12.14 12.51 5.21
C ARG B 260 -10.91 13.12 5.83
N PHE B 261 -10.03 13.63 4.97
CA PHE B 261 -8.79 14.24 5.41
C PHE B 261 -8.92 15.74 5.63
N PRO B 262 -8.25 16.23 6.67
CA PRO B 262 -8.23 17.63 7.09
C PRO B 262 -7.68 18.52 5.98
N ALA B 263 -8.22 19.73 5.88
CA ALA B 263 -7.73 20.65 4.87
C ALA B 263 -6.26 20.85 5.20
N PRO B 264 -5.44 21.16 4.19
CA PRO B 264 -5.80 21.31 2.78
C PRO B 264 -5.51 20.06 1.97
N TRP B 265 -5.41 18.92 2.65
CA TRP B 265 -5.06 17.68 1.97
C TRP B 265 -5.93 17.19 0.82
N GLY B 266 -7.23 17.47 0.88
CA GLY B 266 -8.10 17.03 -0.19
C GLY B 266 -7.80 17.75 -1.48
N PRO B 267 -7.76 19.09 -1.45
CA PRO B 267 -7.46 19.91 -2.62
C PRO B 267 -6.02 19.68 -3.10
N LEU B 268 -5.13 19.40 -2.16
CA LEU B 268 -3.73 19.16 -2.51
C LEU B 268 -3.60 17.88 -3.32
N ILE B 269 -4.18 16.79 -2.83
CA ILE B 269 -4.12 15.52 -3.55
C ILE B 269 -4.74 15.65 -4.95
N GLU B 270 -5.85 16.39 -5.04
CA GLU B 270 -6.52 16.57 -6.32
C GLU B 270 -5.64 17.44 -7.22
N ALA B 271 -5.00 18.43 -6.62
CA ALA B 271 -4.13 19.33 -7.35
C ALA B 271 -2.99 18.55 -7.99
N MET B 272 -2.47 17.58 -7.25
CA MET B 272 -1.38 16.78 -7.76
C MET B 272 -1.85 15.87 -8.88
N ALA B 273 -3.09 15.40 -8.78
CA ALA B 273 -3.64 14.50 -9.79
C ALA B 273 -3.78 15.17 -11.16
N ALA B 274 -4.01 16.48 -11.16
CA ALA B 274 -4.18 17.21 -12.42
C ALA B 274 -3.02 18.13 -12.79
N ILE B 275 -1.91 18.03 -12.07
CA ILE B 275 -0.75 18.87 -12.35
C ILE B 275 -0.24 18.61 -13.77
N ARG B 276 -0.98 17.77 -14.51
CA ARG B 276 -0.64 17.44 -15.89
C ARG B 276 -1.21 18.53 -16.80
N VAL B 277 -1.47 19.69 -16.21
CA VAL B 277 -2.00 20.84 -16.92
C VAL B 277 -0.83 21.61 -17.56
OAZ ECP C . -13.40 -16.72 -6.04
PAW ECP C . -12.16 -15.94 -6.22
OBA ECP C . -12.20 -14.98 -7.36
OBC ECP C . -10.92 -16.73 -6.14
OAV ECP C . -12.11 -14.98 -4.93
PAU ECP C . -11.99 -15.61 -3.45
OAY ECP C . -12.67 -16.93 -3.46
OBB ECP C . -12.41 -14.60 -2.47
OAT ECP C . -10.41 -15.86 -3.28
CAS ECP C . -9.92 -17.20 -3.13
CAQ ECP C . -9.81 -17.53 -1.64
CAK ECP C . -11.04 -18.22 -1.02
CAR ECP C . -11.87 -19.10 -1.96
CAL ECP C . -10.88 -18.76 0.39
CAM ECP C . -9.39 -18.82 0.74
CAJ ECP C . -9.17 -19.82 1.88
CAE ECP C . -7.69 -20.07 2.11
CAN ECP C . -7.01 -18.77 2.52
CAF ECP C . -7.04 -20.59 0.83
CAA ECP C . -5.59 -20.94 1.11
CAB ECP C . -5.52 -22.04 2.15
CAC ECP C . -6.15 -21.57 3.46
CAO ECP C . -6.19 -22.75 4.43
CAP ECP C . -5.32 -20.46 4.07
CAD ECP C . -7.59 -21.11 3.22
CAG ECP C . -8.24 -20.58 4.47
CAH ECP C . -9.69 -20.25 4.17
CAI ECP C . -9.75 -19.39 3.07
CAX ECP C . -10.03 -18.05 3.27
OAZ ECP D . 14.06 10.13 -13.28
PAW ECP D . 12.67 9.66 -13.50
OBA ECP D . 12.54 8.20 -13.71
OBC ECP D . 11.91 10.46 -14.48
OAV ECP D . 11.94 9.89 -12.08
PAU ECP D . 11.09 11.21 -11.72
OAY ECP D . 9.84 10.80 -11.04
OBB ECP D . 11.92 12.33 -11.20
OAT ECP D . 10.61 11.68 -13.18
CAS ECP D . 10.81 13.02 -13.61
CAQ ECP D . 9.98 13.98 -12.75
CAK ECP D . 10.57 15.38 -12.63
CAR ECP D . 11.39 15.91 -13.80
CAL ECP D . 9.79 16.43 -11.82
CAM ECP D . 8.69 17.05 -12.67
CAJ ECP D . 8.22 18.40 -12.12
CAE ECP D . 7.42 18.28 -10.84
CAN ECP D . 8.24 17.56 -9.77
CAF ECP D . 6.14 17.51 -11.10
CAA ECP D . 5.29 17.46 -9.84
CAB ECP D . 4.91 18.88 -9.44
CAC ECP D . 6.16 19.70 -9.16
CAO ECP D . 5.75 21.15 -8.89
CAP ECP D . 6.87 19.16 -7.91
CAD ECP D . 7.07 19.68 -10.37
CAG ECP D . 8.37 20.43 -10.11
CAH ECP D . 9.10 20.55 -11.44
CAI ECP D . 9.28 19.30 -12.03
CAX ECP D . 10.38 19.13 -12.85
#